data_8P5N
#
_entry.id   8P5N
#
_cell.length_a   43.513
_cell.length_b   39.822
_cell.length_c   72.194
_cell.angle_alpha   90.000
_cell.angle_beta   97.075
_cell.angle_gamma   90.000
#
_symmetry.space_group_name_H-M   'P 1 21 1'
#
loop_
_entity.id
_entity.type
_entity.pdbx_description
1 polymer 'Low molecular weight phosphatase family protein'
2 non-polymer ARSENATE
3 non-polymer GLYCEROL
4 water water
#
_entity_poly.entity_id   1
_entity_poly.type   'polypeptide(L)'
_entity_poly.pdbx_seq_one_letter_code
;MNTVESRPVSVLFLCTGNTARSQLAQVLLEHHGGGRYAVTSAGLEPGSVNPLTVQVLQESGLPTGHLQAKGVRPLIAEHF
TYVITVCDRAEANCPIFPNATYRLHWPFEDPAAATGSEEERLAVFRHVRDEIDARIQAWVAARV
;
_entity_poly.pdbx_strand_id   A,B
#
# COMPACT_ATOMS: atom_id res chain seq x y z
N SER A 6 -2.93 29.49 21.15
CA SER A 6 -3.79 29.54 19.98
C SER A 6 -3.78 28.17 19.29
N ARG A 7 -4.97 27.62 19.06
CA ARG A 7 -5.05 26.26 18.56
C ARG A 7 -4.68 26.19 17.08
N PRO A 8 -4.15 25.05 16.63
CA PRO A 8 -3.62 24.97 15.27
C PRO A 8 -4.70 24.76 14.22
N VAL A 9 -4.37 25.19 13.01
CA VAL A 9 -5.22 24.99 11.84
C VAL A 9 -5.11 23.54 11.39
N SER A 10 -6.24 22.90 11.13
CA SER A 10 -6.24 21.51 10.73
C SER A 10 -6.07 21.38 9.21
N VAL A 11 -5.18 20.48 8.79
CA VAL A 11 -4.86 20.26 7.39
C VAL A 11 -4.85 18.75 7.13
N LEU A 12 -5.56 18.32 6.09
CA LEU A 12 -5.51 16.94 5.61
C LEU A 12 -4.91 16.96 4.21
N PHE A 13 -3.80 16.25 4.04
CA PHE A 13 -3.25 16.00 2.71
C PHE A 13 -3.85 14.69 2.20
N LEU A 14 -4.54 14.77 1.07
CA LEU A 14 -5.35 13.65 0.56
C LEU A 14 -4.73 13.13 -0.72
N CYS A 15 -4.64 11.80 -0.84
CA CYS A 15 -3.96 11.20 -1.98
C CYS A 15 -4.61 9.85 -2.30
N THR A 16 -3.97 9.11 -3.21
CA THR A 16 -4.49 7.84 -3.67
C THR A 16 -4.20 6.72 -2.67
N GLY A 17 -2.93 6.47 -2.39
CA GLY A 17 -2.54 5.38 -1.53
C GLY A 17 -1.88 5.80 -0.24
N ASN A 18 -1.64 7.11 -0.06
CA ASN A 18 -0.98 7.65 1.12
C ASN A 18 0.41 7.04 1.28
N THR A 19 1.13 6.90 0.15
CA THR A 19 2.43 6.27 0.15
C THR A 19 3.58 7.22 -0.21
N ALA A 20 3.28 8.42 -0.71
CA ALA A 20 4.33 9.25 -1.30
C ALA A 20 4.02 10.73 -1.17
N ARG A 21 3.31 11.31 -2.13
CA ARG A 21 3.10 12.76 -2.16
C ARG A 21 2.50 13.26 -0.85
N SER A 22 1.49 12.57 -0.32
CA SER A 22 0.82 13.07 0.88
C SER A 22 1.69 12.86 2.12
N GLN A 23 2.57 11.87 2.11
CA GLN A 23 3.50 11.69 3.22
C GLN A 23 4.60 12.75 3.19
N LEU A 24 5.15 13.02 2.00
CA LEU A 24 6.09 14.12 1.85
C LEU A 24 5.48 15.42 2.34
N ALA A 25 4.25 15.71 1.89
CA ALA A 25 3.58 16.95 2.29
C ALA A 25 3.36 16.98 3.79
N GLN A 26 2.94 15.87 4.40
CA GLN A 26 2.71 15.86 5.84
C GLN A 26 3.99 16.26 6.57
N VAL A 27 5.10 15.60 6.27
CA VAL A 27 6.34 15.84 6.99
C VAL A 27 6.86 17.25 6.71
N LEU A 28 6.70 17.73 5.47
CA LEU A 28 7.21 19.05 5.13
C LEU A 28 6.40 20.14 5.83
N LEU A 29 5.09 19.95 5.97
CA LEU A 29 4.29 20.94 6.71
C LEU A 29 4.57 20.85 8.21
N GLU A 30 4.73 19.63 8.73
CA GLU A 30 5.18 19.49 10.11
C GLU A 30 6.45 20.29 10.34
N HIS A 31 7.36 20.27 9.37
CA HIS A 31 8.65 20.93 9.54
C HIS A 31 8.51 22.45 9.43
N HIS A 32 7.92 22.94 8.34
CA HIS A 32 7.87 24.36 8.10
C HIS A 32 6.77 25.07 8.87
N GLY A 33 5.72 24.35 9.26
CA GLY A 33 4.59 24.96 9.92
C GLY A 33 4.72 24.89 11.42
N GLY A 34 5.47 23.92 11.92
CA GLY A 34 5.65 23.79 13.35
C GLY A 34 4.34 23.44 14.02
N GLY A 35 4.12 24.02 15.21
CA GLY A 35 2.91 23.77 15.94
C GLY A 35 1.71 24.56 15.47
N ARG A 36 1.86 25.35 14.41
CA ARG A 36 0.75 26.16 13.94
C ARG A 36 -0.30 25.33 13.21
N TYR A 37 0.03 24.09 12.81
CA TYR A 37 -0.85 23.26 12.02
C TYR A 37 -0.95 21.87 12.65
N ALA A 38 -2.17 21.31 12.61
CA ALA A 38 -2.39 19.91 12.95
C ALA A 38 -2.53 19.17 11.62
N VAL A 39 -1.56 18.30 11.32
CA VAL A 39 -1.40 17.76 9.98
C VAL A 39 -1.72 16.27 9.97
N THR A 40 -2.56 15.86 9.03
CA THR A 40 -2.89 14.47 8.77
C THR A 40 -2.74 14.20 7.28
N SER A 41 -2.47 12.95 6.93
CA SER A 41 -2.48 12.54 5.54
C SER A 41 -3.23 11.22 5.43
N ALA A 42 -3.88 11.01 4.30
CA ALA A 42 -4.65 9.80 4.12
C ALA A 42 -4.90 9.56 2.63
N GLY A 43 -5.23 8.31 2.30
CA GLY A 43 -5.50 7.92 0.94
C GLY A 43 -6.78 7.12 0.85
N LEU A 44 -7.31 7.05 -0.37
CA LEU A 44 -8.54 6.30 -0.59
C LEU A 44 -8.31 4.80 -0.42
N GLU A 45 -7.24 4.29 -1.01
CA GLU A 45 -6.91 2.86 -0.98
C GLU A 45 -5.49 2.72 -0.44
N PRO A 46 -5.34 2.61 0.88
CA PRO A 46 -4.00 2.74 1.47
C PRO A 46 -3.08 1.59 1.07
N GLY A 47 -1.84 1.94 0.78
CA GLY A 47 -0.83 0.94 0.49
C GLY A 47 0.18 0.85 1.61
N SER A 48 1.45 1.08 1.28
CA SER A 48 2.55 1.05 2.23
C SER A 48 3.48 2.20 1.85
N VAL A 49 3.98 2.91 2.86
CA VAL A 49 4.86 4.03 2.56
C VAL A 49 6.00 3.53 1.68
N ASN A 50 6.22 4.21 0.56
CA ASN A 50 7.26 3.79 -0.38
C ASN A 50 8.62 4.00 0.26
N PRO A 51 9.53 3.03 0.18
CA PRO A 51 10.86 3.24 0.77
C PRO A 51 11.58 4.46 0.23
N LEU A 52 11.32 4.84 -1.02
CA LEU A 52 11.96 6.03 -1.57
C LEU A 52 11.38 7.31 -0.97
N THR A 53 10.11 7.29 -0.57
CA THR A 53 9.56 8.40 0.17
C THR A 53 10.36 8.63 1.45
N VAL A 54 10.58 7.55 2.20
CA VAL A 54 11.36 7.62 3.43
C VAL A 54 12.78 8.11 3.14
N GLN A 55 13.42 7.54 2.11
CA GLN A 55 14.80 7.88 1.83
C GLN A 55 14.97 9.38 1.57
N VAL A 56 14.11 9.96 0.73
CA VAL A 56 14.34 11.36 0.36
C VAL A 56 14.03 12.31 1.53
N LEU A 57 13.10 11.93 2.40
CA LEU A 57 12.87 12.71 3.61
C LEU A 57 14.05 12.60 4.57
N GLN A 58 14.56 11.38 4.76
CA GLN A 58 15.68 11.19 5.68
C GLN A 58 16.93 11.89 5.18
N GLU A 59 17.14 11.91 3.85
CA GLU A 59 18.27 12.64 3.29
C GLU A 59 18.25 14.10 3.69
N SER A 60 17.05 14.66 3.87
CA SER A 60 16.88 16.04 4.28
C SER A 60 16.89 16.23 5.79
N GLY A 61 17.09 15.15 6.55
CA GLY A 61 17.09 15.26 8.00
C GLY A 61 15.71 15.29 8.61
N LEU A 62 14.70 14.82 7.89
CA LEU A 62 13.33 14.85 8.38
C LEU A 62 12.94 13.47 8.87
N PRO A 63 12.34 13.38 10.05
CA PRO A 63 12.03 12.06 10.62
C PRO A 63 10.83 11.43 9.93
N THR A 64 10.86 10.10 9.88
CA THR A 64 9.86 9.33 9.17
C THR A 64 9.30 8.18 9.99
N GLY A 65 9.74 8.00 11.24
CA GLY A 65 9.32 6.85 12.01
C GLY A 65 7.84 6.82 12.33
N HIS A 66 7.15 7.96 12.19
CA HIS A 66 5.74 8.07 12.51
C HIS A 66 4.85 7.90 11.28
N LEU A 67 5.43 7.66 10.11
CA LEU A 67 4.65 7.62 8.89
C LEU A 67 4.03 6.24 8.70
N GLN A 68 2.75 6.22 8.32
N GLN A 68 2.77 6.22 8.29
CA GLN A 68 2.03 5.00 8.06
CA GLN A 68 2.05 4.98 8.03
C GLN A 68 1.04 5.32 6.94
C GLN A 68 0.99 5.28 6.99
N ALA A 69 0.88 4.39 6.00
CA ALA A 69 -0.12 4.56 4.96
C ALA A 69 -1.47 4.21 5.57
N LYS A 70 -2.44 5.12 5.47
CA LYS A 70 -3.70 4.96 6.17
C LYS A 70 -4.85 5.39 5.27
N GLY A 71 -6.01 4.77 5.50
CA GLY A 71 -7.17 5.09 4.72
C GLY A 71 -7.91 6.32 5.21
N VAL A 72 -8.68 6.92 4.31
CA VAL A 72 -9.47 8.09 4.66
C VAL A 72 -10.80 7.72 5.27
N ARG A 73 -11.27 6.48 5.10
CA ARG A 73 -12.59 6.12 5.60
C ARG A 73 -12.75 6.33 7.10
N PRO A 74 -11.79 5.97 7.96
CA PRO A 74 -11.96 6.26 9.40
C PRO A 74 -12.04 7.73 9.74
N LEU A 75 -11.67 8.62 8.83
CA LEU A 75 -11.69 10.05 9.07
C LEU A 75 -12.91 10.74 8.48
N ILE A 76 -13.85 9.97 7.91
CA ILE A 76 -14.91 10.55 7.09
C ILE A 76 -15.80 11.50 7.88
N ALA A 77 -15.88 11.32 9.19
CA ALA A 77 -16.70 12.20 10.03
C ALA A 77 -15.93 13.39 10.58
N GLU A 78 -14.63 13.48 10.30
CA GLU A 78 -13.83 14.59 10.79
C GLU A 78 -13.96 15.78 9.85
N HIS A 79 -13.71 16.96 10.41
CA HIS A 79 -13.64 18.20 9.65
C HIS A 79 -12.21 18.72 9.65
N PHE A 80 -11.77 19.25 8.51
CA PHE A 80 -10.46 19.87 8.38
C PHE A 80 -10.64 21.24 7.76
N THR A 81 -9.96 22.24 8.33
CA THR A 81 -10.05 23.58 7.75
C THR A 81 -9.57 23.59 6.31
N TYR A 82 -8.45 22.91 6.04
CA TYR A 82 -7.94 22.75 4.69
C TYR A 82 -7.85 21.27 4.36
N VAL A 83 -8.43 20.88 3.23
CA VAL A 83 -8.15 19.59 2.62
C VAL A 83 -7.39 19.89 1.35
N ILE A 84 -6.16 19.41 1.27
CA ILE A 84 -5.25 19.71 0.17
C ILE A 84 -5.02 18.39 -0.56
N THR A 85 -5.60 18.28 -1.75
CA THR A 85 -5.48 17.07 -2.56
C THR A 85 -4.19 17.16 -3.38
N VAL A 86 -3.31 16.18 -3.21
CA VAL A 86 -2.00 16.18 -3.85
C VAL A 86 -1.89 15.16 -4.96
N CYS A 87 -2.93 14.35 -5.18
CA CYS A 87 -3.05 13.60 -6.42
C CYS A 87 -3.80 14.46 -7.43
N ASP A 88 -3.61 14.13 -8.71
CA ASP A 88 -4.38 14.76 -9.77
C ASP A 88 -5.77 14.15 -9.76
N ARG A 89 -6.80 15.01 -9.84
CA ARG A 89 -8.17 14.51 -9.80
C ARG A 89 -8.45 13.55 -10.94
N ALA A 90 -7.61 13.56 -12.00
CA ALA A 90 -7.77 12.62 -13.09
C ALA A 90 -7.29 11.22 -12.74
N GLU A 91 -6.48 11.07 -11.69
CA GLU A 91 -6.01 9.76 -11.30
C GLU A 91 -7.14 8.94 -10.71
N ALA A 92 -7.12 7.64 -10.98
CA ALA A 92 -8.06 6.74 -10.34
C ALA A 92 -7.79 6.71 -8.84
N ASN A 93 -8.85 6.64 -8.05
CA ASN A 93 -8.77 6.62 -6.60
C ASN A 93 -8.21 7.91 -6.01
N CYS A 94 -8.23 9.01 -6.75
CA CYS A 94 -7.97 10.31 -6.14
C CYS A 94 -9.30 10.77 -5.56
N PRO A 95 -9.45 10.82 -4.24
CA PRO A 95 -10.79 10.99 -3.65
C PRO A 95 -11.12 12.44 -3.34
N ILE A 96 -12.38 12.64 -2.95
CA ILE A 96 -12.85 13.91 -2.43
C ILE A 96 -13.19 13.69 -0.97
N PHE A 97 -13.11 14.76 -0.18
CA PHE A 97 -13.40 14.67 1.24
C PHE A 97 -14.61 15.53 1.57
N PRO A 98 -15.53 15.04 2.41
CA PRO A 98 -16.83 15.74 2.54
C PRO A 98 -16.86 16.93 3.50
N ASN A 99 -15.95 17.02 4.47
CA ASN A 99 -16.05 18.04 5.52
C ASN A 99 -14.80 18.91 5.51
N ALA A 100 -14.90 20.08 4.89
CA ALA A 100 -13.75 20.98 4.82
C ALA A 100 -14.25 22.41 4.67
N THR A 101 -13.44 23.35 5.16
CA THR A 101 -13.71 24.75 4.87
C THR A 101 -13.18 25.12 3.49
N TYR A 102 -11.91 24.82 3.24
CA TYR A 102 -11.27 25.08 1.96
C TYR A 102 -10.74 23.78 1.37
N ARG A 103 -10.99 23.58 0.07
CA ARG A 103 -10.45 22.45 -0.66
C ARG A 103 -9.46 23.01 -1.67
N LEU A 104 -8.18 22.71 -1.47
CA LEU A 104 -7.13 23.13 -2.38
C LEU A 104 -6.67 21.92 -3.18
N HIS A 105 -6.24 22.18 -4.42
CA HIS A 105 -5.80 21.14 -5.32
C HIS A 105 -4.39 21.48 -5.78
N TRP A 106 -3.44 20.71 -5.27
CA TRP A 106 -2.03 20.85 -5.60
C TRP A 106 -1.60 19.53 -6.25
N PRO A 107 -2.01 19.28 -7.48
CA PRO A 107 -1.61 18.03 -8.13
C PRO A 107 -0.09 18.02 -8.30
N PHE A 108 0.52 16.90 -7.93
CA PHE A 108 1.92 16.65 -8.18
C PHE A 108 2.05 15.37 -8.98
N GLU A 109 3.09 15.31 -9.83
CA GLU A 109 3.42 14.07 -10.50
C GLU A 109 3.56 12.96 -9.46
N ASP A 110 3.06 11.78 -9.79
CA ASP A 110 3.18 10.63 -8.90
C ASP A 110 4.60 10.10 -8.99
N PRO A 111 5.45 10.34 -7.99
CA PRO A 111 6.84 9.84 -8.11
C PRO A 111 6.91 8.34 -8.13
N ALA A 112 5.94 7.65 -7.52
CA ALA A 112 5.96 6.19 -7.47
C ALA A 112 5.62 5.57 -8.82
N ALA A 113 5.05 6.34 -9.75
CA ALA A 113 4.79 5.85 -11.10
C ALA A 113 6.01 5.91 -12.00
N ALA A 114 7.05 6.64 -11.61
CA ALA A 114 8.26 6.73 -12.41
C ALA A 114 8.95 5.38 -12.46
N THR A 115 9.52 5.06 -13.62
CA THR A 115 10.26 3.82 -13.78
C THR A 115 11.73 4.12 -14.04
N GLY A 116 12.55 3.07 -13.90
CA GLY A 116 13.98 3.11 -14.07
C GLY A 116 14.68 2.55 -12.85
N SER A 117 16.00 2.72 -12.83
CA SER A 117 16.77 2.20 -11.72
C SER A 117 16.36 2.89 -10.43
N GLU A 118 16.80 2.32 -9.30
CA GLU A 118 16.54 2.96 -8.02
C GLU A 118 17.06 4.40 -8.02
N GLU A 119 18.25 4.62 -8.58
CA GLU A 119 18.80 5.97 -8.58
C GLU A 119 17.94 6.91 -9.44
N GLU A 120 17.47 6.43 -10.59
CA GLU A 120 16.62 7.25 -11.44
C GLU A 120 15.30 7.57 -10.75
N ARG A 121 14.72 6.58 -10.06
CA ARG A 121 13.47 6.82 -9.34
C ARG A 121 13.69 7.73 -8.15
N LEU A 122 14.80 7.57 -7.43
CA LEU A 122 15.10 8.47 -6.33
C LEU A 122 15.20 9.91 -6.81
N ALA A 123 15.75 10.11 -8.02
CA ALA A 123 15.83 11.47 -8.56
C ALA A 123 14.45 12.07 -8.72
N VAL A 124 13.47 11.28 -9.16
CA VAL A 124 12.11 11.78 -9.29
C VAL A 124 11.52 12.10 -7.93
N PHE A 125 11.71 11.20 -6.96
CA PHE A 125 11.22 11.45 -5.61
C PHE A 125 11.83 12.72 -5.02
N ARG A 126 13.13 12.96 -5.28
CA ARG A 126 13.76 14.17 -4.79
C ARG A 126 13.16 15.41 -5.47
N HIS A 127 12.89 15.32 -6.77
CA HIS A 127 12.29 16.44 -7.48
C HIS A 127 10.91 16.77 -6.93
N VAL A 128 10.09 15.74 -6.70
CA VAL A 128 8.74 15.97 -6.17
C VAL A 128 8.81 16.48 -4.73
N ARG A 129 9.70 15.89 -3.92
CA ARG A 129 9.92 16.42 -2.58
C ARG A 129 10.22 17.92 -2.63
N ASP A 130 11.13 18.32 -3.50
CA ASP A 130 11.53 19.72 -3.57
C ASP A 130 10.38 20.61 -4.05
N GLU A 131 9.54 20.10 -4.96
CA GLU A 131 8.40 20.88 -5.41
C GLU A 131 7.37 21.05 -4.29
N ILE A 132 7.04 19.96 -3.59
CA ILE A 132 6.12 20.04 -2.47
C ILE A 132 6.67 20.95 -1.38
N ASP A 133 7.97 20.82 -1.10
CA ASP A 133 8.62 21.68 -0.12
C ASP A 133 8.45 23.15 -0.49
N ALA A 134 8.71 23.49 -1.75
CA ALA A 134 8.54 24.88 -2.18
C ALA A 134 7.11 25.35 -1.98
N ARG A 135 6.13 24.56 -2.44
N ARG A 135 6.14 24.57 -2.45
CA ARG A 135 4.75 24.98 -2.34
CA ARG A 135 4.74 24.99 -2.34
C ARG A 135 4.32 25.15 -0.88
C ARG A 135 4.35 25.18 -0.87
N ILE A 136 4.79 24.27 -0.01
CA ILE A 136 4.46 24.38 1.41
C ILE A 136 5.10 25.61 2.03
N GLN A 137 6.37 25.89 1.70
CA GLN A 137 7.00 27.09 2.25
C GLN A 137 6.21 28.34 1.86
N ALA A 138 5.83 28.44 0.59
CA ALA A 138 5.09 29.61 0.13
C ALA A 138 3.73 29.69 0.83
N TRP A 139 3.09 28.54 1.04
CA TRP A 139 1.76 28.54 1.65
C TRP A 139 1.83 28.97 3.10
N VAL A 140 2.81 28.46 3.84
CA VAL A 140 2.98 28.87 5.24
C VAL A 140 3.31 30.36 5.32
N ALA A 141 4.09 30.85 4.35
CA ALA A 141 4.54 32.24 4.41
C ALA A 141 3.39 33.21 4.14
N ALA A 142 2.38 32.78 3.38
CA ALA A 142 1.25 33.65 3.09
C ALA A 142 0.27 33.73 4.25
N ARG A 143 0.59 33.11 5.39
CA ARG A 143 -0.31 33.06 6.54
C ARG A 143 0.40 33.55 7.80
N PRO B 8 -11.88 -27.75 -12.21
CA PRO B 8 -10.65 -27.38 -11.48
C PRO B 8 -10.86 -27.26 -9.98
N VAL B 9 -9.79 -27.43 -9.22
CA VAL B 9 -9.85 -27.28 -7.77
C VAL B 9 -9.86 -25.80 -7.43
N SER B 10 -10.82 -25.38 -6.61
CA SER B 10 -10.94 -23.98 -6.23
C SER B 10 -10.10 -23.72 -4.99
N VAL B 11 -9.30 -22.65 -5.03
CA VAL B 11 -8.41 -22.29 -3.94
C VAL B 11 -8.56 -20.80 -3.68
N LEU B 12 -8.77 -20.44 -2.41
CA LEU B 12 -8.76 -19.06 -1.96
C LEU B 12 -7.58 -18.88 -1.02
N PHE B 13 -6.67 -17.98 -1.38
CA PHE B 13 -5.60 -17.56 -0.48
C PHE B 13 -6.09 -16.35 0.31
N LEU B 14 -6.11 -16.47 1.63
CA LEU B 14 -6.77 -15.50 2.50
C LEU B 14 -5.71 -14.76 3.32
N CYS B 15 -5.85 -13.44 3.40
CA CYS B 15 -4.83 -12.62 4.05
C CYS B 15 -5.49 -11.37 4.65
N THR B 16 -4.65 -10.44 5.11
CA THR B 16 -5.12 -9.23 5.78
C THR B 16 -5.57 -8.17 4.78
N GLY B 17 -4.66 -7.72 3.91
CA GLY B 17 -4.97 -6.66 2.99
C GLY B 17 -4.95 -7.09 1.53
N ASN B 18 -4.57 -8.35 1.28
CA ASN B 18 -4.48 -8.88 -0.08
C ASN B 18 -3.48 -8.06 -0.91
N THR B 19 -2.36 -7.71 -0.29
CA THR B 19 -1.35 -6.88 -0.93
C THR B 19 -0.01 -7.59 -1.18
N ALA B 20 0.20 -8.77 -0.60
CA ALA B 20 1.53 -9.36 -0.63
C ALA B 20 1.49 -10.89 -0.60
N ARG B 21 1.47 -11.48 0.59
CA ARG B 21 1.58 -12.93 0.69
C ARG B 21 0.52 -13.65 -0.16
N SER B 22 -0.72 -13.19 -0.12
CA SER B 22 -1.78 -13.88 -0.84
C SER B 22 -1.69 -13.63 -2.35
N GLN B 23 -1.13 -12.49 -2.75
CA GLN B 23 -0.90 -12.26 -4.17
C GLN B 23 0.26 -13.08 -4.69
N LEU B 24 1.35 -13.16 -3.93
CA LEU B 24 2.43 -14.06 -4.27
C LEU B 24 1.91 -15.49 -4.45
N ALA B 25 1.14 -15.96 -3.46
CA ALA B 25 0.61 -17.32 -3.52
C ALA B 25 -0.29 -17.51 -4.74
N GLN B 26 -1.16 -16.53 -5.02
CA GLN B 26 -2.04 -16.66 -6.17
C GLN B 26 -1.23 -16.88 -7.44
N VAL B 27 -0.26 -16.00 -7.70
CA VAL B 27 0.49 -16.08 -8.94
C VAL B 27 1.35 -17.33 -9.00
N LEU B 28 1.91 -17.74 -7.85
CA LEU B 28 2.74 -18.94 -7.85
C LEU B 28 1.91 -20.20 -8.10
N LEU B 29 0.68 -20.26 -7.58
CA LEU B 29 -0.15 -21.42 -7.87
C LEU B 29 -0.68 -21.37 -9.30
N GLU B 30 -1.01 -20.18 -9.81
CA GLU B 30 -1.36 -20.06 -11.22
C GLU B 30 -0.25 -20.64 -12.09
N HIS B 31 1.00 -20.36 -11.72
CA HIS B 31 2.13 -20.80 -12.52
C HIS B 31 2.37 -22.29 -12.38
N HIS B 32 2.50 -22.77 -11.14
CA HIS B 32 2.84 -24.17 -10.91
C HIS B 32 1.66 -25.10 -11.03
N GLY B 33 0.44 -24.59 -10.86
CA GLY B 33 -0.76 -25.42 -10.89
C GLY B 33 -1.45 -25.40 -12.24
N GLY B 34 -1.26 -24.31 -12.99
CA GLY B 34 -1.87 -24.21 -14.30
C GLY B 34 -3.38 -24.14 -14.24
N GLY B 35 -4.02 -24.75 -15.23
CA GLY B 35 -5.47 -24.76 -15.33
C GLY B 35 -6.16 -25.76 -14.46
N ARG B 36 -5.42 -26.53 -13.67
N ARG B 36 -5.43 -26.53 -13.67
CA ARG B 36 -6.01 -27.48 -12.75
CA ARG B 36 -6.03 -27.49 -12.75
C ARG B 36 -6.58 -26.81 -11.50
C ARG B 36 -6.57 -26.82 -11.49
N TYR B 37 -6.27 -25.53 -11.27
CA TYR B 37 -6.76 -24.79 -10.13
C TYR B 37 -7.45 -23.52 -10.60
N ALA B 38 -8.54 -23.18 -9.92
CA ALA B 38 -9.16 -21.86 -10.03
C ALA B 38 -8.73 -21.10 -8.79
N VAL B 39 -7.92 -20.07 -8.96
CA VAL B 39 -7.20 -19.45 -7.85
C VAL B 39 -7.76 -18.04 -7.63
N THR B 40 -8.08 -17.75 -6.38
CA THR B 40 -8.50 -16.41 -5.95
C THR B 40 -7.69 -16.05 -4.71
N SER B 41 -7.50 -14.75 -4.50
CA SER B 41 -6.91 -14.23 -3.27
C SER B 41 -7.74 -13.05 -2.80
N ALA B 42 -7.81 -12.87 -1.49
CA ALA B 42 -8.63 -11.80 -0.93
C ALA B 42 -8.17 -11.50 0.50
N GLY B 43 -8.55 -10.30 0.97
CA GLY B 43 -8.19 -9.88 2.30
C GLY B 43 -9.40 -9.32 3.03
N LEU B 44 -9.29 -9.27 4.36
CA LEU B 44 -10.40 -8.76 5.16
C LEU B 44 -10.56 -7.26 4.97
N GLU B 45 -9.45 -6.51 4.99
CA GLU B 45 -9.45 -5.05 4.86
C GLU B 45 -8.54 -4.73 3.67
N PRO B 46 -9.05 -4.75 2.45
CA PRO B 46 -8.17 -4.67 1.28
C PRO B 46 -7.48 -3.32 1.18
N GLY B 47 -6.21 -3.37 0.80
CA GLY B 47 -5.44 -2.17 0.56
C GLY B 47 -5.16 -1.98 -0.92
N SER B 48 -3.87 -1.97 -1.26
CA SER B 48 -3.41 -1.83 -2.63
C SER B 48 -2.21 -2.76 -2.80
N VAL B 49 -2.12 -3.42 -3.95
CA VAL B 49 -1.02 -4.35 -4.18
C VAL B 49 0.31 -3.63 -3.98
N ASN B 50 1.17 -4.22 -3.15
CA ASN B 50 2.47 -3.61 -2.85
C ASN B 50 3.35 -3.64 -4.09
N PRO B 51 3.96 -2.52 -4.48
CA PRO B 51 4.85 -2.56 -5.65
C PRO B 51 5.98 -3.56 -5.51
N LEU B 52 6.41 -3.85 -4.29
CA LEU B 52 7.49 -4.82 -4.08
C LEU B 52 7.01 -6.24 -4.34
N THR B 53 5.72 -6.52 -4.09
CA THR B 53 5.14 -7.80 -4.49
C THR B 53 5.25 -8.00 -5.99
N VAL B 54 4.85 -6.98 -6.75
CA VAL B 54 4.93 -7.04 -8.20
C VAL B 54 6.36 -7.24 -8.65
N GLN B 55 7.29 -6.49 -8.05
CA GLN B 55 8.69 -6.56 -8.48
C GLN B 55 9.24 -7.97 -8.35
N VAL B 56 9.03 -8.62 -7.20
CA VAL B 56 9.66 -9.94 -7.01
C VAL B 56 9.00 -11.00 -7.89
N LEU B 57 7.72 -10.85 -8.19
CA LEU B 57 7.08 -11.76 -9.14
C LEU B 57 7.62 -11.54 -10.55
N GLN B 58 7.76 -10.29 -10.97
CA GLN B 58 8.27 -10.00 -12.30
C GLN B 58 9.70 -10.47 -12.47
N GLU B 59 10.51 -10.38 -11.40
CA GLU B 59 11.88 -10.91 -11.46
C GLU B 59 11.88 -12.39 -11.80
N SER B 60 10.83 -13.11 -11.39
CA SER B 60 10.70 -14.53 -11.68
C SER B 60 10.04 -14.79 -13.03
N GLY B 61 9.71 -13.74 -13.78
CA GLY B 61 9.07 -13.91 -15.07
C GLY B 61 7.59 -14.17 -15.00
N LEU B 62 6.97 -13.82 -13.89
CA LEU B 62 5.55 -14.12 -13.68
C LEU B 62 4.73 -12.86 -13.91
N PRO B 63 3.65 -12.93 -14.69
CA PRO B 63 2.89 -11.71 -14.99
C PRO B 63 2.06 -11.27 -13.79
N THR B 64 1.87 -9.94 -13.71
CA THR B 64 1.22 -9.31 -12.58
C THR B 64 0.14 -8.31 -12.96
N GLY B 65 -0.13 -8.13 -14.26
CA GLY B 65 -1.08 -7.13 -14.68
C GLY B 65 -2.51 -7.39 -14.22
N HIS B 66 -2.79 -8.61 -13.78
CA HIS B 66 -4.14 -8.98 -13.36
C HIS B 66 -4.36 -8.85 -11.85
N LEU B 67 -3.36 -8.40 -11.10
CA LEU B 67 -3.45 -8.40 -9.66
C LEU B 67 -4.16 -7.16 -9.15
N GLN B 68 -5.05 -7.37 -8.19
CA GLN B 68 -5.78 -6.29 -7.55
C GLN B 68 -6.06 -6.70 -6.11
N ALA B 69 -5.85 -5.78 -5.18
CA ALA B 69 -6.26 -6.01 -3.80
C ALA B 69 -7.77 -5.98 -3.71
N LYS B 70 -8.37 -7.02 -3.14
CA LYS B 70 -9.82 -7.15 -3.13
C LYS B 70 -10.26 -7.72 -1.80
N GLY B 71 -11.47 -7.36 -1.40
CA GLY B 71 -12.01 -7.82 -0.15
C GLY B 71 -12.61 -9.21 -0.23
N VAL B 72 -12.69 -9.86 0.93
CA VAL B 72 -13.28 -11.19 0.98
C VAL B 72 -14.81 -11.14 1.10
N ARG B 73 -15.37 -10.02 1.53
CA ARG B 73 -16.81 -9.96 1.74
C ARG B 73 -17.63 -10.28 0.50
N PRO B 74 -17.28 -9.80 -0.70
CA PRO B 74 -18.05 -10.19 -1.90
C PRO B 74 -18.00 -11.68 -2.22
N LEU B 75 -17.10 -12.44 -1.59
CA LEU B 75 -16.98 -13.86 -1.84
C LEU B 75 -17.66 -14.71 -0.76
N ILE B 76 -18.34 -14.08 0.20
CA ILE B 76 -18.81 -14.79 1.37
C ILE B 76 -19.78 -15.89 1.03
N ALA B 77 -20.47 -15.79 -0.11
CA ALA B 77 -21.40 -16.83 -0.53
C ALA B 77 -20.76 -17.88 -1.41
N GLU B 78 -19.50 -17.71 -1.78
CA GLU B 78 -18.81 -18.69 -2.61
C GLU B 78 -18.23 -19.81 -1.76
N HIS B 79 -18.06 -20.97 -2.40
CA HIS B 79 -17.40 -22.10 -1.78
C HIS B 79 -16.05 -22.34 -2.45
N PHE B 80 -15.05 -22.70 -1.66
CA PHE B 80 -13.74 -23.05 -2.16
C PHE B 80 -13.34 -24.39 -1.57
N THR B 81 -12.82 -25.28 -2.41
CA THR B 81 -12.37 -26.57 -1.91
C THR B 81 -11.28 -26.40 -0.86
N TYR B 82 -10.34 -25.50 -1.12
CA TYR B 82 -9.30 -25.15 -0.17
C TYR B 82 -9.34 -23.66 0.11
N VAL B 83 -9.37 -23.30 1.39
CA VAL B 83 -9.08 -21.95 1.84
C VAL B 83 -7.75 -22.01 2.60
N ILE B 84 -6.76 -21.29 2.10
CA ILE B 84 -5.40 -21.34 2.63
C ILE B 84 -5.08 -19.97 3.21
N THR B 85 -5.00 -19.88 4.53
CA THR B 85 -4.72 -18.62 5.21
C THR B 85 -3.21 -18.43 5.29
N VAL B 86 -2.74 -17.30 4.77
CA VAL B 86 -1.31 -17.01 4.69
C VAL B 86 -0.88 -15.92 5.65
N CYS B 87 -1.80 -15.31 6.39
CA CYS B 87 -1.42 -14.46 7.51
C CYS B 87 -1.37 -15.27 8.80
N ASP B 88 -0.62 -14.74 9.77
CA ASP B 88 -0.63 -15.29 11.11
C ASP B 88 -1.91 -14.85 11.81
N ARG B 89 -2.55 -15.79 12.51
CA ARG B 89 -3.82 -15.50 13.16
C ARG B 89 -3.72 -14.41 14.21
N ALA B 90 -2.53 -14.09 14.71
CA ALA B 90 -2.37 -13.01 15.66
C ALA B 90 -2.45 -11.63 15.01
N GLU B 91 -2.31 -11.55 13.69
CA GLU B 91 -2.35 -10.27 13.01
C GLU B 91 -3.77 -9.71 13.01
N ALA B 92 -3.86 -8.39 13.08
CA ALA B 92 -5.15 -7.73 12.95
C ALA B 92 -5.69 -7.96 11.54
N ASN B 93 -7.00 -8.20 11.45
CA ASN B 93 -7.69 -8.41 10.19
C ASN B 93 -7.26 -9.67 9.45
N CYS B 94 -6.65 -10.64 10.15
CA CYS B 94 -6.45 -11.97 9.55
C CYS B 94 -7.76 -12.73 9.71
N PRO B 95 -8.47 -13.01 8.61
CA PRO B 95 -9.85 -13.51 8.76
C PRO B 95 -10.03 -15.01 8.70
N ILE B 96 -11.25 -15.47 8.94
CA ILE B 96 -11.69 -16.84 8.67
C ILE B 96 -12.76 -16.79 7.59
N PHE B 97 -12.89 -17.88 6.83
CA PHE B 97 -13.86 -17.95 5.75
C PHE B 97 -14.88 -19.05 6.03
N PRO B 98 -16.17 -18.79 5.74
CA PRO B 98 -17.21 -19.73 6.21
C PRO B 98 -17.45 -20.96 5.33
N ASN B 99 -17.11 -20.92 4.05
CA ASN B 99 -17.50 -21.99 3.12
C ASN B 99 -16.26 -22.62 2.51
N ALA B 100 -15.85 -23.77 3.04
CA ALA B 100 -14.66 -24.43 2.52
C ALA B 100 -14.74 -25.92 2.83
N THR B 101 -14.12 -26.73 1.97
CA THR B 101 -13.95 -28.14 2.28
C THR B 101 -12.77 -28.33 3.23
N TYR B 102 -11.62 -27.78 2.87
CA TYR B 102 -10.42 -27.85 3.68
C TYR B 102 -9.95 -26.44 4.01
N ARG B 103 -9.57 -26.22 5.27
CA ARG B 103 -8.97 -24.98 5.72
C ARG B 103 -7.52 -25.27 6.13
N LEU B 104 -6.57 -24.75 5.37
CA LEU B 104 -5.15 -24.92 5.64
C LEU B 104 -4.60 -23.60 6.18
N HIS B 105 -3.59 -23.70 7.03
CA HIS B 105 -2.98 -22.53 7.65
C HIS B 105 -1.50 -22.57 7.32
N TRP B 106 -1.09 -21.66 6.43
CA TRP B 106 0.29 -21.51 6.01
C TRP B 106 0.74 -20.09 6.36
N PRO B 107 0.96 -19.79 7.64
CA PRO B 107 1.40 -18.44 8.00
C PRO B 107 2.78 -18.15 7.41
N PHE B 108 2.92 -16.98 6.80
CA PHE B 108 4.21 -16.50 6.33
C PHE B 108 4.50 -15.14 6.95
N GLU B 109 5.79 -14.86 7.14
CA GLU B 109 6.21 -13.54 7.57
C GLU B 109 5.62 -12.47 6.66
N ASP B 110 5.16 -11.38 7.26
CA ASP B 110 4.60 -10.28 6.49
C ASP B 110 5.73 -9.47 5.87
N PRO B 111 5.97 -9.60 4.56
CA PRO B 111 7.07 -8.82 3.97
C PRO B 111 6.79 -7.33 3.97
N ALA B 112 5.52 -6.93 3.98
CA ALA B 112 5.17 -5.52 3.95
C ALA B 112 5.48 -4.83 5.29
N ALA B 113 5.73 -5.60 6.33
CA ALA B 113 6.13 -5.03 7.61
C ALA B 113 7.62 -4.69 7.64
N ALA B 114 8.39 -5.17 6.67
CA ALA B 114 9.83 -4.90 6.66
C ALA B 114 10.09 -3.42 6.42
N THR B 115 11.09 -2.90 7.13
CA THR B 115 11.53 -1.52 7.02
C THR B 115 12.93 -1.51 6.44
N GLY B 116 13.38 -0.33 6.05
CA GLY B 116 14.71 -0.16 5.52
C GLY B 116 14.66 0.38 4.11
N SER B 117 15.82 0.33 3.46
CA SER B 117 15.92 0.75 2.08
C SER B 117 15.08 -0.17 1.19
N GLU B 118 14.90 0.25 -0.06
CA GLU B 118 14.19 -0.59 -1.01
C GLU B 118 14.85 -1.96 -1.13
N GLU B 119 16.18 -1.99 -1.21
CA GLU B 119 16.86 -3.27 -1.35
C GLU B 119 16.66 -4.15 -0.12
N GLU B 120 16.69 -3.54 1.07
CA GLU B 120 16.46 -4.32 2.28
C GLU B 120 15.05 -4.90 2.30
N ARG B 121 14.06 -4.12 1.85
CA ARG B 121 12.70 -4.63 1.82
C ARG B 121 12.54 -5.69 0.74
N LEU B 122 13.13 -5.46 -0.43
CA LEU B 122 13.06 -6.45 -1.51
C LEU B 122 13.66 -7.78 -1.08
N ALA B 123 14.73 -7.75 -0.27
CA ALA B 123 15.32 -9.00 0.19
C ALA B 123 14.30 -9.84 0.95
N VAL B 124 13.48 -9.19 1.79
CA VAL B 124 12.46 -9.89 2.54
C VAL B 124 11.36 -10.41 1.62
N PHE B 125 10.92 -9.57 0.68
CA PHE B 125 9.90 -10.02 -0.27
C PHE B 125 10.40 -11.22 -1.07
N ARG B 126 11.69 -11.20 -1.47
CA ARG B 126 12.22 -12.33 -2.21
C ARG B 126 12.27 -13.60 -1.36
N HIS B 127 12.65 -13.46 -0.10
CA HIS B 127 12.70 -14.61 0.79
C HIS B 127 11.32 -15.22 0.97
N VAL B 128 10.30 -14.37 1.16
CA VAL B 128 8.94 -14.86 1.34
C VAL B 128 8.42 -15.48 0.05
N ARG B 129 8.66 -14.82 -1.09
CA ARG B 129 8.31 -15.41 -2.38
C ARG B 129 8.88 -16.81 -2.51
N ASP B 130 10.17 -16.96 -2.21
CA ASP B 130 10.81 -18.26 -2.39
C ASP B 130 10.22 -19.31 -1.46
N GLU B 131 9.83 -18.92 -0.24
CA GLU B 131 9.22 -19.88 0.68
C GLU B 131 7.84 -20.30 0.19
N ILE B 132 7.02 -19.34 -0.20
CA ILE B 132 5.69 -19.65 -0.73
C ILE B 132 5.82 -20.51 -1.99
N ASP B 133 6.77 -20.15 -2.85
CA ASP B 133 7.01 -20.93 -4.07
C ASP B 133 7.31 -22.38 -3.72
N ALA B 134 8.20 -22.62 -2.75
CA ALA B 134 8.52 -23.97 -2.34
C ALA B 134 7.28 -24.69 -1.82
N ARG B 135 6.53 -24.06 -0.92
CA ARG B 135 5.34 -24.70 -0.36
C ARG B 135 4.34 -25.05 -1.45
N ILE B 136 4.14 -24.16 -2.43
CA ILE B 136 3.16 -24.41 -3.47
C ILE B 136 3.58 -25.59 -4.34
N GLN B 137 4.86 -25.65 -4.73
CA GLN B 137 5.33 -26.78 -5.53
C GLN B 137 5.11 -28.10 -4.80
N ALA B 138 5.47 -28.13 -3.52
CA ALA B 138 5.29 -29.36 -2.74
C ALA B 138 3.82 -29.71 -2.59
N TRP B 139 2.97 -28.70 -2.42
CA TRP B 139 1.54 -28.94 -2.23
C TRP B 139 0.89 -29.47 -3.50
N VAL B 140 1.28 -28.93 -4.65
CA VAL B 140 0.75 -29.42 -5.91
C VAL B 140 1.11 -30.90 -6.11
N ALA B 141 2.33 -31.27 -5.72
CA ALA B 141 2.80 -32.64 -5.93
C ALA B 141 2.18 -33.64 -4.96
N ALA B 142 1.82 -33.20 -3.76
CA ALA B 142 1.26 -34.11 -2.77
C ALA B 142 0.09 -33.45 -2.05
#